data_3Q0F
#
_entry.id   3Q0F
#
_cell.length_a   102.968
_cell.length_b   102.968
_cell.length_c   170.493
_cell.angle_alpha   90.00
_cell.angle_beta   90.00
_cell.angle_gamma   120.00
#
_symmetry.space_group_name_H-M   'P 61 2 2'
#
loop_
_entity.id
_entity.type
_entity.pdbx_description
1 polymer 'Histone-lysine N-methyltransferase, H3 lysine-9 specific SUVH5'
2 polymer "DNA (5'-D(*CP*TP*GP*AP*GP*GP*AP*GP*TP*AP*T)-3')"
3 polymer "DNA (5'-D(*TP*AP*CP*TP*(5CM)P*CP*TP*CP*AP*G)-3')"
4 water water
#
loop_
_entity_poly.entity_id
_entity_poly.type
_entity_poly.pdbx_seq_one_letter_code
_entity_poly.pdbx_strand_id
1 'polypeptide(L)'
;QIIGTVPGVEVGDEFQYRMELNLLGIHRPSQSGIDYMKDDGGELVATSIVSSGGYNDVLDNSDVLIYTGQGGNVGKKKNN
EPPKDQQLVTGNLALKNSINKKNPVRVIRGIKNTTLQSSVVAKNYVYDGLYLVEEYWEETGSHGKLVFKFKLRRIPGQPE
LPWKEVA
;
X,A
2 'polydeoxyribonucleotide' (DC)(DT)(DG)(DA)(DG)(DG)(DA)(DG)(DT)(DA)(DT) B
3 'polydeoxyribonucleotide' (DT)(DA)(DC)(DT)(5CM)(DC)(DT)(DC)(DA)(DG) C
#
loop_
_chem_comp.id
_chem_comp.type
_chem_comp.name
_chem_comp.formula
5CM DNA linking 5-METHYL-2'-DEOXY-CYTIDINE-5'-MONOPHOSPHATE 'C10 H16 N3 O7 P'
DA DNA linking 2'-DEOXYADENOSINE-5'-MONOPHOSPHATE 'C10 H14 N5 O6 P'
DC DNA linking 2'-DEOXYCYTIDINE-5'-MONOPHOSPHATE 'C9 H14 N3 O7 P'
DG DNA linking 2'-DEOXYGUANOSINE-5'-MONOPHOSPHATE 'C10 H14 N5 O7 P'
DT DNA linking THYMIDINE-5'-MONOPHOSPHATE 'C10 H15 N2 O8 P'
#
# COMPACT_ATOMS: atom_id res chain seq x y z
N GLN A 1 16.73 10.94 -0.86
CA GLN A 1 17.14 9.58 -0.56
C GLN A 1 18.40 9.53 0.31
N ILE A 2 18.20 9.42 1.62
CA ILE A 2 19.26 9.64 2.61
C ILE A 2 19.87 8.36 3.17
N ILE A 3 21.10 8.45 3.64
CA ILE A 3 21.74 7.35 4.36
C ILE A 3 21.91 7.68 5.85
N GLY A 4 21.56 6.73 6.71
CA GLY A 4 21.67 6.92 8.15
C GLY A 4 20.48 7.66 8.72
N THR A 5 20.71 8.45 9.76
CA THR A 5 19.64 9.18 10.41
C THR A 5 18.83 10.08 9.48
N VAL A 6 17.54 10.17 9.77
CA VAL A 6 16.64 11.03 9.02
C VAL A 6 16.05 12.08 9.95
N PRO A 7 16.22 13.35 9.59
CA PRO A 7 15.79 14.51 10.39
C PRO A 7 14.41 14.32 11.00
N GLY A 8 14.32 14.49 12.32
CA GLY A 8 13.04 14.49 13.01
C GLY A 8 12.41 13.13 13.21
N VAL A 9 13.19 12.08 12.98
CA VAL A 9 12.72 10.73 13.26
C VAL A 9 13.59 10.11 14.35
N GLU A 10 13.01 9.95 15.53
CA GLU A 10 13.76 9.44 16.66
C GLU A 10 13.58 7.95 16.82
N VAL A 11 14.57 7.30 17.41
CA VAL A 11 14.46 5.90 17.76
C VAL A 11 13.22 5.71 18.64
N GLY A 12 12.40 4.72 18.29
CA GLY A 12 11.22 4.42 19.08
C GLY A 12 9.96 5.05 18.52
N ASP A 13 10.11 5.89 17.50
CA ASP A 13 8.95 6.47 16.82
C ASP A 13 8.13 5.40 16.13
N GLU A 14 6.80 5.52 16.21
CA GLU A 14 5.93 4.47 15.70
C GLU A 14 5.02 4.90 14.56
N PHE A 15 4.57 3.92 13.80
CA PHE A 15 3.76 4.18 12.62
C PHE A 15 2.75 3.07 12.36
N GLN A 16 1.70 3.43 11.66
CA GLN A 16 0.62 2.49 11.39
C GLN A 16 0.77 1.86 10.02
N TYR A 17 1.42 2.56 9.10
CA TYR A 17 1.46 2.15 7.71
C TYR A 17 2.81 2.29 7.03
N ARG A 18 3.11 1.35 6.14
CA ARG A 18 4.35 1.36 5.40
C ARG A 18 4.56 2.65 4.61
N MET A 19 3.49 3.37 4.31
CA MET A 19 3.61 4.57 3.49
C MET A 19 3.93 5.78 4.33
N GLU A 20 3.58 5.72 5.61
CA GLU A 20 4.05 6.75 6.54
C GLU A 20 5.57 6.81 6.47
N LEU A 21 6.19 5.64 6.42
CA LEU A 21 7.65 5.54 6.35
C LEU A 21 8.18 6.17 5.07
N ASN A 22 7.40 6.07 4.01
CA ASN A 22 7.75 6.65 2.73
C ASN A 22 7.70 8.18 2.82
N LEU A 23 6.60 8.68 3.35
CA LEU A 23 6.38 10.12 3.49
C LEU A 23 7.46 10.83 4.29
N LEU A 24 8.13 10.08 5.16
CA LEU A 24 9.17 10.66 6.00
C LEU A 24 10.57 10.33 5.45
N GLY A 25 10.62 9.52 4.42
CA GLY A 25 11.88 9.19 3.79
C GLY A 25 12.68 8.14 4.53
N ILE A 26 12.02 7.41 5.42
CA ILE A 26 12.68 6.33 6.15
C ILE A 26 12.82 5.10 5.27
N HIS A 27 11.77 4.79 4.53
CA HIS A 27 11.75 3.60 3.70
C HIS A 27 10.77 3.85 2.56
N ARG A 28 11.23 3.72 1.32
CA ARG A 28 10.42 4.14 0.18
C ARG A 28 9.46 3.08 -0.34
N PRO A 29 9.95 1.84 -0.52
CA PRO A 29 9.02 0.87 -1.10
C PRO A 29 7.80 0.65 -0.21
N SER A 30 6.68 0.32 -0.84
CA SER A 30 5.41 0.14 -0.13
C SER A 30 5.29 -1.28 0.44
N GLN A 31 6.06 -2.21 -0.11
CA GLN A 31 6.02 -3.59 0.32
C GLN A 31 7.39 -4.20 0.47
N SER A 32 8.26 -3.97 -0.51
CA SER A 32 9.59 -4.56 -0.47
C SER A 32 10.28 -4.24 0.85
N GLY A 33 10.84 -5.26 1.48
CA GLY A 33 11.46 -5.12 2.79
C GLY A 33 12.78 -4.38 2.76
N ILE A 34 13.45 -4.43 1.61
CA ILE A 34 14.75 -3.80 1.47
C ILE A 34 14.68 -2.55 0.62
N ASP A 35 15.35 -1.48 1.07
CA ASP A 35 15.42 -0.23 0.31
C ASP A 35 16.86 0.20 0.12
N TYR A 36 17.19 0.63 -1.10
CA TYR A 36 18.58 0.93 -1.42
C TYR A 36 18.72 2.07 -2.40
N MET A 37 19.96 2.38 -2.73
CA MET A 37 20.29 3.44 -3.68
C MET A 37 21.59 3.12 -4.39
N LYS A 38 22.04 4.03 -5.24
CA LYS A 38 23.33 3.89 -5.91
C LYS A 38 24.33 4.84 -5.29
N ASP A 39 25.54 4.36 -5.05
CA ASP A 39 26.60 5.19 -4.51
C ASP A 39 27.33 5.99 -5.59
N ASP A 40 27.86 7.14 -5.21
CA ASP A 40 28.88 7.81 -6.00
C ASP A 40 29.86 6.70 -6.27
N GLY A 41 30.09 6.42 -7.55
CA GLY A 41 30.59 5.12 -7.96
C GLY A 41 29.42 4.59 -8.76
N GLY A 42 29.21 3.28 -8.79
CA GLY A 42 28.06 2.74 -9.50
C GLY A 42 27.11 1.86 -8.70
N GLU A 43 27.59 1.35 -7.58
CA GLU A 43 26.96 0.20 -6.91
C GLU A 43 25.77 0.51 -5.99
N LEU A 44 25.02 -0.56 -5.68
CA LEU A 44 23.86 -0.49 -4.80
C LEU A 44 24.27 -0.61 -3.34
N VAL A 45 23.66 0.21 -2.49
CA VAL A 45 23.79 0.02 -1.05
C VAL A 45 22.45 0.15 -0.35
N ALA A 46 22.21 -0.75 0.61
CA ALA A 46 20.98 -0.71 1.39
C ALA A 46 20.92 0.53 2.29
N THR A 47 19.72 1.03 2.52
CA THR A 47 19.54 2.20 3.36
C THR A 47 18.56 1.91 4.50
N SER A 48 17.74 0.88 4.31
CA SER A 48 16.71 0.56 5.28
C SER A 48 16.12 -0.80 5.03
N ILE A 49 15.75 -1.49 6.10
CA ILE A 49 14.99 -2.70 5.97
C ILE A 49 13.79 -2.65 6.90
N VAL A 50 12.78 -3.42 6.54
CA VAL A 50 11.62 -3.61 7.39
C VAL A 50 11.54 -5.07 7.76
N SER A 51 11.49 -5.37 9.04
CA SER A 51 11.26 -6.73 9.50
C SER A 51 9.88 -6.81 10.14
N SER A 52 8.92 -7.33 9.38
CA SER A 52 7.61 -7.67 9.93
C SER A 52 7.67 -9.17 10.21
N GLY A 53 6.72 -9.90 9.62
CA GLY A 53 6.81 -11.35 9.52
C GLY A 53 6.77 -11.76 8.05
N GLY A 54 6.81 -13.06 7.79
CA GLY A 54 6.76 -13.54 6.42
C GLY A 54 7.99 -14.33 6.04
N TYR A 55 9.12 -13.65 5.93
CA TYR A 55 10.41 -14.31 5.82
C TYR A 55 10.82 -14.66 7.24
N ASN A 56 11.52 -15.76 7.40
CA ASN A 56 11.82 -16.27 8.76
C ASN A 56 12.99 -15.56 9.46
N ASP A 57 12.85 -14.24 9.59
CA ASP A 57 13.89 -13.42 10.22
C ASP A 57 14.04 -13.78 11.69
N VAL A 58 15.29 -13.83 12.14
CA VAL A 58 15.57 -14.04 13.55
C VAL A 58 15.90 -12.72 14.27
N LEU A 59 14.89 -12.17 14.93
CA LEU A 59 15.11 -11.06 15.85
C LEU A 59 14.47 -11.36 17.21
N ASP A 60 15.13 -10.93 18.26
CA ASP A 60 14.57 -11.02 19.61
C ASP A 60 14.85 -9.74 20.38
N ASN A 61 15.46 -9.87 21.55
CA ASN A 61 15.83 -8.71 22.35
C ASN A 61 17.34 -8.59 22.49
N SER A 62 18.04 -8.61 21.36
CA SER A 62 19.49 -8.39 21.36
C SER A 62 19.95 -7.39 20.29
N ASP A 63 21.25 -7.14 20.23
CA ASP A 63 21.78 -6.17 19.28
C ASP A 63 21.96 -6.80 17.91
N VAL A 64 21.73 -8.11 17.82
CA VAL A 64 21.86 -8.80 16.55
C VAL A 64 20.53 -9.23 15.94
N LEU A 65 20.45 -9.06 14.63
CA LEU A 65 19.26 -9.38 13.87
C LEU A 65 19.68 -10.20 12.65
N ILE A 66 19.10 -11.37 12.45
CA ILE A 66 19.31 -12.11 11.19
C ILE A 66 18.17 -11.83 10.22
N TYR A 67 18.50 -11.29 9.06
CA TYR A 67 17.46 -10.87 8.12
C TYR A 67 17.53 -11.75 6.88
N THR A 68 16.38 -12.19 6.41
CA THR A 68 16.32 -13.05 5.24
C THR A 68 16.28 -12.21 3.97
N GLY A 69 16.95 -12.66 2.93
CA GLY A 69 16.92 -11.97 1.66
C GLY A 69 15.60 -12.19 0.96
N GLN A 70 15.35 -11.45 -0.12
CA GLN A 70 14.08 -11.60 -0.84
C GLN A 70 14.17 -12.52 -2.06
N GLY A 71 13.04 -13.10 -2.44
CA GLY A 71 12.98 -13.94 -3.63
C GLY A 71 12.53 -15.38 -3.43
N GLY A 72 12.33 -16.07 -4.56
CA GLY A 72 12.00 -17.48 -4.60
C GLY A 72 10.93 -18.05 -3.68
N ASN A 73 10.36 -17.20 -2.82
CA ASN A 73 9.54 -17.63 -1.67
C ASN A 73 10.37 -17.92 -0.43
N PRO A 82 6.01 -22.02 -7.26
CA PRO A 82 7.15 -22.94 -7.33
C PRO A 82 8.46 -22.28 -6.89
N PRO A 83 9.12 -22.85 -5.86
CA PRO A 83 10.32 -22.31 -5.22
C PRO A 83 11.55 -22.30 -6.14
N LYS A 84 12.41 -21.30 -5.95
CA LYS A 84 13.65 -21.19 -6.73
C LYS A 84 14.75 -20.43 -5.95
N ASP A 85 15.99 -20.58 -6.40
CA ASP A 85 17.12 -19.90 -5.74
C ASP A 85 16.92 -18.39 -5.70
N GLN A 86 17.30 -17.78 -4.59
CA GLN A 86 17.27 -16.33 -4.49
C GLN A 86 18.44 -15.81 -5.28
N GLN A 87 18.37 -14.56 -5.72
CA GLN A 87 19.41 -14.02 -6.55
C GLN A 87 20.10 -12.84 -5.89
N LEU A 88 21.41 -12.76 -6.08
CA LEU A 88 22.16 -11.64 -5.58
C LEU A 88 21.88 -10.43 -6.45
N VAL A 89 20.67 -9.89 -6.33
CA VAL A 89 20.29 -8.72 -7.12
C VAL A 89 19.46 -7.75 -6.29
N THR A 90 19.33 -6.53 -6.81
CA THR A 90 18.51 -5.53 -6.15
C THR A 90 18.83 -5.42 -4.66
N GLY A 91 17.79 -5.51 -3.83
CA GLY A 91 17.94 -5.47 -2.39
C GLY A 91 18.99 -6.42 -1.84
N ASN A 92 18.89 -7.70 -2.17
CA ASN A 92 19.86 -8.67 -1.71
C ASN A 92 21.28 -8.19 -1.96
N LEU A 93 21.54 -7.79 -3.20
CA LEU A 93 22.85 -7.31 -3.58
C LEU A 93 23.20 -6.03 -2.78
N ALA A 94 22.27 -5.09 -2.74
CA ALA A 94 22.45 -3.87 -1.97
C ALA A 94 22.97 -4.17 -0.56
N LEU A 95 22.31 -5.08 0.14
CA LEU A 95 22.71 -5.45 1.50
C LEU A 95 24.13 -5.98 1.53
N LYS A 96 24.44 -6.96 0.68
CA LYS A 96 25.79 -7.47 0.61
C LYS A 96 26.83 -6.36 0.42
N ASN A 97 26.55 -5.42 -0.47
CA ASN A 97 27.48 -4.33 -0.71
C ASN A 97 27.63 -3.43 0.50
N SER A 98 26.62 -3.45 1.36
CA SER A 98 26.66 -2.63 2.55
C SER A 98 27.61 -3.18 3.60
N ILE A 99 27.99 -4.45 3.44
CA ILE A 99 28.98 -5.04 4.32
C ILE A 99 30.31 -4.30 4.20
N ASN A 100 30.85 -4.26 3.00
CA ASN A 100 32.13 -3.60 2.75
C ASN A 100 32.08 -2.08 2.82
N LYS A 101 30.99 -1.49 2.33
CA LYS A 101 30.84 -0.05 2.40
C LYS A 101 30.71 0.38 3.86
N LYS A 102 30.28 -0.55 4.71
CA LYS A 102 30.12 -0.30 6.15
C LYS A 102 29.21 0.89 6.45
N ASN A 103 28.22 1.12 5.60
CA ASN A 103 27.23 2.15 5.85
C ASN A 103 26.11 1.72 6.81
N PRO A 104 25.59 2.68 7.56
CA PRO A 104 24.44 2.53 8.46
C PRO A 104 23.17 2.14 7.70
N VAL A 105 22.39 1.24 8.28
CA VAL A 105 21.13 0.86 7.70
C VAL A 105 20.01 1.07 8.70
N ARG A 106 18.96 1.78 8.28
CA ARG A 106 17.79 1.97 9.12
C ARG A 106 17.04 0.65 9.26
N VAL A 107 16.47 0.41 10.44
CA VAL A 107 15.74 -0.83 10.68
C VAL A 107 14.40 -0.51 11.29
N ILE A 108 13.36 -1.04 10.68
CA ILE A 108 12.00 -0.89 11.17
C ILE A 108 11.49 -2.27 11.51
N ARG A 109 10.88 -2.41 12.67
CA ARG A 109 10.29 -3.68 13.05
C ARG A 109 8.78 -3.54 13.04
N GLY A 110 8.11 -4.57 12.56
CA GLY A 110 6.67 -4.71 12.73
C GLY A 110 6.40 -5.13 14.16
N ILE A 111 5.16 -4.94 14.62
CA ILE A 111 4.82 -5.27 16.00
C ILE A 111 3.36 -5.73 16.14
N LYS A 112 3.09 -6.50 17.19
CA LYS A 112 1.76 -7.05 17.46
C LYS A 112 0.70 -5.96 17.67
N LYS A 123 -0.80 1.31 15.34
CA LYS A 123 0.64 1.42 15.12
C LYS A 123 1.32 0.03 15.01
N ASN A 124 1.91 -0.24 13.84
CA ASN A 124 2.44 -1.56 13.56
C ASN A 124 3.92 -1.58 13.28
N TYR A 125 4.57 -0.41 13.32
CA TYR A 125 5.98 -0.31 12.96
C TYR A 125 6.76 0.61 13.91
N VAL A 126 7.95 0.18 14.31
CA VAL A 126 8.82 1.01 15.13
C VAL A 126 10.13 1.25 14.43
N TYR A 127 10.60 2.49 14.49
CA TYR A 127 11.96 2.78 14.04
C TYR A 127 12.91 2.30 15.12
N ASP A 128 13.82 1.41 14.75
CA ASP A 128 14.71 0.78 15.72
C ASP A 128 16.17 1.28 15.65
N GLY A 129 16.40 2.37 14.93
CA GLY A 129 17.73 2.95 14.84
C GLY A 129 18.60 2.38 13.75
N LEU A 130 19.91 2.50 13.91
CA LEU A 130 20.84 2.14 12.85
C LEU A 130 21.63 0.87 13.13
N TYR A 131 21.83 0.07 12.09
CA TYR A 131 22.55 -1.19 12.18
C TYR A 131 23.59 -1.23 11.09
N LEU A 132 24.55 -2.15 11.20
CA LEU A 132 25.51 -2.38 10.16
C LEU A 132 25.43 -3.82 9.71
N VAL A 133 25.61 -4.06 8.42
CA VAL A 133 25.58 -5.42 7.91
C VAL A 133 26.94 -6.07 8.10
N GLU A 134 27.03 -7.00 9.04
CA GLU A 134 28.29 -7.62 9.38
C GLU A 134 28.69 -8.73 8.42
N GLU A 135 27.73 -9.48 7.92
CA GLU A 135 28.06 -10.57 7.00
C GLU A 135 26.81 -11.18 6.42
N TYR A 136 27.02 -12.09 5.48
CA TYR A 136 25.94 -12.85 4.89
C TYR A 136 26.39 -14.26 4.56
N TRP A 137 25.42 -15.12 4.32
CA TRP A 137 25.72 -16.49 3.95
C TRP A 137 24.47 -17.04 3.31
N GLU A 138 24.57 -18.23 2.75
CA GLU A 138 23.41 -18.82 2.11
C GLU A 138 23.01 -20.12 2.77
N GLU A 139 21.71 -20.40 2.69
CA GLU A 139 21.12 -21.56 3.34
C GLU A 139 20.34 -22.34 2.31
N THR A 140 19.91 -23.53 2.69
CA THR A 140 19.13 -24.37 1.80
C THR A 140 17.95 -24.94 2.54
N GLY A 141 16.75 -24.48 2.19
CA GLY A 141 15.53 -25.09 2.69
C GLY A 141 15.37 -26.53 2.22
N SER A 142 14.26 -27.17 2.57
CA SER A 142 14.02 -28.56 2.19
C SER A 142 13.68 -28.69 0.71
N HIS A 143 12.95 -27.70 0.20
CA HIS A 143 12.62 -27.57 -1.21
C HIS A 143 13.89 -27.69 -2.06
N GLY A 144 15.03 -27.37 -1.46
CA GLY A 144 16.32 -27.51 -2.11
C GLY A 144 16.87 -26.19 -2.59
N LYS A 145 16.08 -25.13 -2.42
CA LYS A 145 16.42 -23.83 -2.98
C LYS A 145 17.23 -22.93 -2.05
N LEU A 146 17.97 -22.01 -2.64
CA LEU A 146 18.91 -21.15 -1.93
C LEU A 146 18.26 -19.92 -1.29
N VAL A 147 18.64 -19.63 -0.06
CA VAL A 147 18.15 -18.46 0.66
C VAL A 147 19.31 -17.70 1.29
N PHE A 148 19.32 -16.39 1.15
CA PHE A 148 20.34 -15.57 1.80
C PHE A 148 19.93 -15.14 3.21
N LYS A 149 20.94 -15.00 4.06
CA LYS A 149 20.76 -14.55 5.42
C LYS A 149 21.78 -13.46 5.68
N PHE A 150 21.32 -12.36 6.24
CA PHE A 150 22.21 -11.26 6.56
C PHE A 150 22.22 -11.02 8.05
N LYS A 151 23.41 -10.99 8.62
CA LYS A 151 23.59 -10.69 10.02
C LYS A 151 23.85 -9.20 10.19
N LEU A 152 22.93 -8.51 10.86
CA LEU A 152 23.11 -7.10 11.14
C LEU A 152 23.27 -6.87 12.63
N ARG A 153 24.13 -5.92 13.00
CA ARG A 153 24.33 -5.59 14.41
C ARG A 153 24.01 -4.13 14.66
N ARG A 154 23.30 -3.86 15.74
CA ARG A 154 22.92 -2.51 16.10
C ARG A 154 24.15 -1.68 16.52
N ILE A 155 24.30 -0.51 15.93
CA ILE A 155 25.38 0.39 16.30
C ILE A 155 25.18 0.83 17.75
N PRO A 156 26.21 0.66 18.59
CA PRO A 156 26.20 1.03 20.00
C PRO A 156 25.86 2.50 20.25
N GLY A 157 25.35 2.80 21.43
CA GLY A 157 25.17 4.18 21.82
C GLY A 157 23.80 4.79 21.62
N GLN A 158 22.91 4.04 20.98
CA GLN A 158 21.59 4.59 20.65
C GLN A 158 20.59 4.28 21.75
N PRO A 159 19.54 5.09 21.84
CA PRO A 159 18.46 4.85 22.79
C PRO A 159 17.99 3.41 22.72
N GLU A 160 17.38 2.91 23.80
CA GLU A 160 16.76 1.58 23.81
C GLU A 160 15.27 1.68 23.47
N LEU A 161 14.66 0.55 23.15
CA LEU A 161 13.23 0.53 22.84
C LEU A 161 12.36 0.51 24.10
N PRO A 162 11.30 1.35 24.10
CA PRO A 162 10.30 1.42 25.19
C PRO A 162 9.65 0.07 25.45
N TRP A 163 8.91 -0.03 26.56
CA TRP A 163 8.19 -1.25 26.95
C TRP A 163 9.10 -2.47 27.12
N GLN B 1 -16.26 5.18 10.40
CA GLN B 1 -16.70 4.79 9.07
C GLN B 1 -17.95 5.56 8.63
N ILE B 2 -17.72 6.66 7.90
CA ILE B 2 -18.78 7.65 7.63
C ILE B 2 -19.42 7.53 6.25
N ILE B 3 -20.65 8.01 6.14
CA ILE B 3 -21.32 8.14 4.85
C ILE B 3 -21.46 9.61 4.44
N GLY B 4 -21.15 9.89 3.18
CA GLY B 4 -21.25 11.26 2.66
C GLY B 4 -20.02 12.06 3.00
N THR B 5 -20.22 13.36 3.20
CA THR B 5 -19.10 14.26 3.48
C THR B 5 -18.26 13.87 4.69
N VAL B 6 -16.96 14.12 4.59
CA VAL B 6 -16.04 13.86 5.68
C VAL B 6 -15.40 15.17 6.12
N PRO B 7 -15.54 15.48 7.43
CA PRO B 7 -15.06 16.72 8.04
C PRO B 7 -13.68 17.14 7.54
N GLY B 8 -13.58 18.36 7.06
CA GLY B 8 -12.29 18.94 6.69
C GLY B 8 -11.70 18.42 5.39
N VAL B 9 -12.51 17.74 4.60
CA VAL B 9 -12.08 17.31 3.27
C VAL B 9 -12.95 17.99 2.22
N GLU B 10 -12.36 18.93 1.51
CA GLU B 10 -13.10 19.70 0.53
C GLU B 10 -12.96 19.12 -0.88
N VAL B 11 -14.00 19.33 -1.69
CA VAL B 11 -13.93 18.97 -3.09
C VAL B 11 -12.70 19.62 -3.72
N GLY B 12 -11.91 18.83 -4.45
CA GLY B 12 -10.72 19.35 -5.10
C GLY B 12 -9.45 19.10 -4.33
N ASP B 13 -9.57 18.63 -3.10
CA ASP B 13 -8.41 18.29 -2.29
C ASP B 13 -7.65 17.14 -2.91
N GLU B 14 -6.32 17.21 -2.87
CA GLU B 14 -5.51 16.23 -3.58
C GLU B 14 -4.63 15.41 -2.65
N PHE B 15 -4.18 14.26 -3.15
CA PHE B 15 -3.38 13.34 -2.37
C PHE B 15 -2.42 12.55 -3.23
N GLN B 16 -1.36 12.04 -2.62
CA GLN B 16 -0.31 11.35 -3.34
C GLN B 16 -0.50 9.84 -3.23
N TYR B 17 -1.15 9.41 -2.15
CA TYR B 17 -1.20 7.99 -1.80
C TYR B 17 -2.57 7.48 -1.33
N ARG B 18 -2.87 6.26 -1.70
CA ARG B 18 -4.12 5.64 -1.32
C ARG B 18 -4.30 5.60 0.19
N MET B 19 -3.21 5.65 0.93
CA MET B 19 -3.29 5.54 2.38
C MET B 19 -3.60 6.88 3.04
N GLU B 20 -3.21 7.97 2.38
CA GLU B 20 -3.63 9.27 2.85
C GLU B 20 -5.16 9.28 2.96
N LEU B 21 -5.82 8.69 1.98
CA LEU B 21 -7.29 8.63 1.96
C LEU B 21 -7.80 7.84 3.14
N ASN B 22 -7.04 6.83 3.54
CA ASN B 22 -7.39 6.01 4.69
C ASN B 22 -7.29 6.81 5.97
N LEU B 23 -6.16 7.49 6.13
CA LEU B 23 -5.88 8.31 7.30
C LEU B 23 -6.93 9.39 7.55
N LEU B 24 -7.62 9.80 6.50
CA LEU B 24 -8.63 10.84 6.64
C LEU B 24 -10.03 10.25 6.66
N GLY B 25 -10.12 8.93 6.45
CA GLY B 25 -11.39 8.24 6.48
C GLY B 25 -12.23 8.41 5.23
N ILE B 26 -11.59 8.81 4.14
CA ILE B 26 -12.28 8.97 2.87
C ILE B 26 -12.50 7.61 2.22
N HIS B 27 -11.46 6.78 2.28
CA HIS B 27 -11.47 5.47 1.63
C HIS B 27 -10.49 4.57 2.36
N ARG B 28 -10.99 3.45 2.89
CA ARG B 28 -10.17 2.62 3.79
C ARG B 28 -9.26 1.62 3.08
N PRO B 29 -9.78 0.89 2.08
CA PRO B 29 -8.89 -0.12 1.50
C PRO B 29 -7.67 0.51 0.85
N SER B 30 -6.57 -0.23 0.85
CA SER B 30 -5.33 0.27 0.31
C SER B 30 -5.24 0.09 -1.20
N GLN B 31 -6.05 -0.82 -1.74
CA GLN B 31 -6.04 -1.11 -3.16
C GLN B 31 -7.42 -1.24 -3.75
N SER B 32 -8.30 -1.94 -3.05
CA SER B 32 -9.65 -2.18 -3.53
C SER B 32 -10.33 -0.85 -3.86
N GLY B 33 -10.89 -0.76 -5.07
CA GLY B 33 -11.51 0.46 -5.54
C GLY B 33 -12.81 0.82 -4.85
N ILE B 34 -13.48 -0.19 -4.31
CA ILE B 34 -14.76 0.03 -3.68
C ILE B 34 -14.66 -0.13 -2.16
N ASP B 35 -15.27 0.81 -1.44
CA ASP B 35 -15.31 0.76 0.01
C ASP B 35 -16.76 0.83 0.51
N TYR B 36 -17.08 0.01 1.51
CA TYR B 36 -18.46 -0.11 1.96
C TYR B 36 -18.57 -0.42 3.45
N MET B 37 -19.81 -0.52 3.91
CA MET B 37 -20.09 -0.83 5.29
C MET B 37 -21.41 -1.58 5.39
N LYS B 38 -21.85 -1.86 6.61
CA LYS B 38 -23.15 -2.48 6.85
C LYS B 38 -24.13 -1.46 7.37
N ASP B 39 -25.32 -1.43 6.80
CA ASP B 39 -26.34 -0.46 7.20
C ASP B 39 -27.06 -0.95 8.44
N ASP B 40 -27.73 -0.03 9.13
CA ASP B 40 -28.62 -0.40 10.20
C ASP B 40 -29.97 -0.71 9.59
N GLY B 41 -30.31 -1.99 9.50
CA GLY B 41 -29.44 -3.07 9.94
C GLY B 41 -29.94 -4.42 9.49
N GLY B 42 -29.36 -4.92 8.39
CA GLY B 42 -28.32 -4.19 7.70
C GLY B 42 -27.50 -4.99 6.71
N GLU B 43 -27.58 -4.60 5.45
CA GLU B 43 -26.78 -5.20 4.40
C GLU B 43 -25.67 -4.23 3.96
N LEU B 44 -24.98 -4.57 2.88
CA LEU B 44 -23.83 -3.80 2.44
C LEU B 44 -24.23 -2.54 1.68
N VAL B 45 -23.60 -1.42 1.99
CA VAL B 45 -23.73 -0.23 1.16
C VAL B 45 -22.37 0.41 0.91
N ALA B 46 -22.15 0.86 -0.32
CA ALA B 46 -20.91 1.51 -0.70
C ALA B 46 -20.79 2.87 -0.03
N THR B 47 -19.57 3.30 0.26
CA THR B 47 -19.35 4.58 0.91
C THR B 47 -18.38 5.44 0.09
N SER B 48 -17.61 4.77 -0.76
CA SER B 48 -16.61 5.45 -1.55
C SER B 48 -16.09 4.56 -2.67
N ILE B 49 -15.72 5.19 -3.78
CA ILE B 49 -15.00 4.48 -4.83
C ILE B 49 -13.79 5.31 -5.26
N VAL B 50 -12.82 4.62 -5.83
CA VAL B 50 -11.67 5.27 -6.42
C VAL B 50 -11.65 4.89 -7.89
N SER B 51 -11.60 5.91 -8.74
CA SER B 51 -11.45 5.68 -10.16
C SER B 51 -10.08 6.16 -10.58
N SER B 52 -9.14 5.23 -10.73
CA SER B 52 -7.85 5.52 -11.34
C SER B 52 -7.99 5.08 -12.79
N GLY B 53 -7.10 4.18 -13.20
CA GLY B 53 -7.26 3.44 -14.43
C GLY B 53 -7.20 1.94 -14.15
N GLY B 54 -7.18 1.14 -15.20
CA GLY B 54 -7.06 -0.30 -15.05
C GLY B 54 -8.36 -1.03 -15.35
N TYR B 55 -9.31 -0.94 -14.43
CA TYR B 55 -10.66 -1.37 -14.73
C TYR B 55 -11.22 -0.38 -15.74
N ASN B 56 -11.34 -0.81 -16.99
CA ASN B 56 -11.81 0.07 -18.07
C ASN B 56 -13.13 0.77 -17.75
N ASP B 57 -13.05 1.92 -17.09
CA ASP B 57 -14.25 2.67 -16.73
C ASP B 57 -14.33 4.06 -17.42
N VAL B 58 -15.54 4.59 -17.50
CA VAL B 58 -15.83 5.78 -18.32
C VAL B 58 -15.96 7.08 -17.51
N LEU B 59 -14.92 7.90 -17.60
CA LEU B 59 -14.81 9.12 -16.82
C LEU B 59 -14.58 10.34 -17.72
N ASP B 60 -15.59 10.73 -18.48
CA ASP B 60 -15.48 11.90 -19.36
C ASP B 60 -15.56 13.23 -18.60
N ASN B 61 -16.17 14.24 -19.21
CA ASN B 61 -16.18 15.59 -18.62
C ASN B 61 -17.53 15.95 -18.03
N SER B 62 -18.31 14.94 -17.67
CA SER B 62 -19.67 15.18 -17.27
C SER B 62 -19.95 14.94 -15.80
N ASP B 63 -21.23 14.99 -15.47
CA ASP B 63 -21.70 14.67 -14.14
C ASP B 63 -21.93 13.16 -14.03
N VAL B 64 -21.71 12.45 -15.13
CA VAL B 64 -21.89 11.00 -15.15
C VAL B 64 -20.59 10.22 -15.26
N LEU B 65 -20.49 9.17 -14.47
CA LEU B 65 -19.32 8.33 -14.43
C LEU B 65 -19.78 6.87 -14.52
N ILE B 66 -19.23 6.11 -15.45
CA ILE B 66 -19.49 4.67 -15.50
C ILE B 66 -18.34 3.93 -14.82
N TYR B 67 -18.65 3.21 -13.77
CA TYR B 67 -17.64 2.54 -12.96
C TYR B 67 -17.73 1.03 -13.14
N THR B 68 -16.59 0.39 -13.38
CA THR B 68 -16.56 -1.06 -13.53
C THR B 68 -16.50 -1.76 -12.17
N GLY B 69 -17.24 -2.85 -12.01
CA GLY B 69 -17.17 -3.65 -10.80
C GLY B 69 -15.87 -4.44 -10.71
N GLN B 70 -15.60 -5.03 -9.55
CA GLN B 70 -14.35 -5.78 -9.36
C GLN B 70 -14.49 -7.29 -9.60
N GLY B 71 -13.39 -7.92 -9.98
CA GLY B 71 -13.35 -9.36 -10.10
C GLY B 71 -12.95 -9.89 -11.45
N GLY B 72 -12.80 -11.21 -11.53
CA GLY B 72 -12.52 -11.93 -12.77
C GLY B 72 -11.46 -11.42 -13.72
N ASN B 73 -10.86 -10.27 -13.42
CA ASN B 73 -10.03 -9.50 -14.36
C ASN B 73 -10.86 -8.52 -15.19
N GLU B 81 -4.08 -13.99 -15.37
CA GLU B 81 -4.83 -15.13 -14.83
C GLU B 81 -6.17 -15.33 -15.56
N PRO B 82 -6.65 -16.59 -15.59
CA PRO B 82 -7.85 -17.05 -16.31
C PRO B 82 -9.14 -16.32 -15.91
N PRO B 83 -9.80 -15.68 -16.90
CA PRO B 83 -10.99 -14.84 -16.72
C PRO B 83 -12.23 -15.60 -16.24
N LYS B 84 -13.06 -14.95 -15.44
CA LYS B 84 -14.29 -15.54 -14.93
C LYS B 84 -15.34 -14.48 -14.61
N ASP B 85 -16.60 -14.89 -14.48
CA ASP B 85 -17.69 -13.96 -14.20
C ASP B 85 -17.44 -13.22 -12.89
N GLN B 86 -17.77 -11.93 -12.89
CA GLN B 86 -17.73 -11.15 -11.68
C GLN B 86 -18.89 -11.57 -10.81
N GLN B 87 -18.80 -11.34 -9.51
CA GLN B 87 -19.82 -11.80 -8.60
C GLN B 87 -20.45 -10.64 -7.85
N LEU B 88 -21.76 -10.74 -7.66
CA LEU B 88 -22.49 -9.75 -6.92
C LEU B 88 -22.18 -9.91 -5.43
N VAL B 89 -20.93 -9.60 -5.05
CA VAL B 89 -20.52 -9.72 -3.66
C VAL B 89 -19.65 -8.55 -3.23
N THR B 90 -19.49 -8.40 -1.92
CA THR B 90 -18.63 -7.36 -1.38
C THR B 90 -18.93 -6.01 -2.02
N GLY B 91 -17.89 -5.36 -2.52
CA GLY B 91 -18.02 -4.07 -3.18
C GLY B 91 -19.11 -4.02 -4.23
N ASN B 92 -19.04 -4.91 -5.22
CA ASN B 92 -20.06 -4.96 -6.27
C ASN B 92 -21.46 -4.93 -5.68
N LEU B 93 -21.73 -5.83 -4.74
CA LEU B 93 -23.01 -5.88 -4.07
C LEU B 93 -23.31 -4.56 -3.35
N ALA B 94 -22.33 -4.08 -2.59
CA ALA B 94 -22.47 -2.82 -1.87
C ALA B 94 -23.00 -1.73 -2.80
N LEU B 95 -22.36 -1.58 -3.96
CA LEU B 95 -22.75 -0.54 -4.92
C LEU B 95 -24.20 -0.72 -5.34
N LYS B 96 -24.55 -1.93 -5.77
CA LYS B 96 -25.93 -2.22 -6.16
C LYS B 96 -26.93 -1.83 -5.08
N ASN B 97 -26.65 -2.20 -3.83
CA ASN B 97 -27.53 -1.84 -2.73
C ASN B 97 -27.61 -0.32 -2.51
N SER B 98 -26.60 0.40 -2.97
CA SER B 98 -26.61 1.86 -2.82
C SER B 98 -27.58 2.52 -3.78
N ILE B 99 -27.98 1.79 -4.81
CA ILE B 99 -28.97 2.29 -5.75
C ILE B 99 -30.28 2.58 -5.01
N ASN B 100 -30.84 1.55 -4.39
CA ASN B 100 -32.10 1.68 -3.66
C ASN B 100 -31.98 2.48 -2.35
N LYS B 101 -30.88 2.29 -1.63
CA LYS B 101 -30.68 3.07 -0.41
C LYS B 101 -30.55 4.56 -0.77
N LYS B 102 -30.13 4.83 -1.99
CA LYS B 102 -29.95 6.21 -2.47
C LYS B 102 -29.00 7.02 -1.61
N ASN B 103 -27.99 6.37 -1.04
CA ASN B 103 -26.99 7.05 -0.24
C ASN B 103 -25.89 7.64 -1.10
N PRO B 104 -25.32 8.78 -0.65
CA PRO B 104 -24.18 9.46 -1.26
C PRO B 104 -22.94 8.57 -1.27
N VAL B 105 -22.17 8.63 -2.36
CA VAL B 105 -20.92 7.91 -2.44
C VAL B 105 -19.78 8.86 -2.75
N ARG B 106 -18.70 8.77 -1.99
CA ARG B 106 -17.53 9.61 -2.24
C ARG B 106 -16.82 9.09 -3.46
N VAL B 107 -16.27 9.98 -4.27
CA VAL B 107 -15.57 9.57 -5.47
C VAL B 107 -14.20 10.22 -5.55
N ILE B 108 -13.18 9.40 -5.74
CA ILE B 108 -11.83 9.90 -5.87
C ILE B 108 -11.33 9.51 -7.25
N ARG B 109 -10.72 10.45 -7.95
CA ARG B 109 -10.17 10.15 -9.26
C ARG B 109 -8.65 10.19 -9.20
N GLY B 110 -8.02 9.23 -9.88
CA GLY B 110 -6.58 9.27 -10.07
C GLY B 110 -6.32 10.31 -11.14
N ILE B 111 -5.08 10.77 -11.25
CA ILE B 111 -4.74 11.82 -12.22
C ILE B 111 -3.31 11.67 -12.72
N LYS B 112 -3.04 12.25 -13.90
CA LYS B 112 -1.71 12.19 -14.53
C LYS B 112 -0.64 12.89 -13.69
N LYS B 123 1.09 14.31 -6.27
CA LYS B 123 -0.34 14.20 -6.04
C LYS B 123 -1.07 13.44 -7.16
N ASN B 124 -1.64 12.28 -6.84
CA ASN B 124 -2.26 11.41 -7.85
C ASN B 124 -3.76 11.18 -7.68
N TYR B 125 -4.37 11.81 -6.66
CA TYR B 125 -5.76 11.59 -6.36
C TYR B 125 -6.49 12.88 -6.00
N VAL B 126 -7.70 13.05 -6.54
CA VAL B 126 -8.54 14.18 -6.18
C VAL B 126 -9.85 13.71 -5.60
N TYR B 127 -10.29 14.37 -4.55
CA TYR B 127 -11.64 14.16 -4.05
C TYR B 127 -12.60 14.90 -4.96
N ASP B 128 -13.56 14.18 -5.52
CA ASP B 128 -14.43 14.74 -6.53
C ASP B 128 -15.86 14.97 -6.04
N GLY B 129 -16.08 14.85 -4.73
CA GLY B 129 -17.39 15.11 -4.17
C GLY B 129 -18.27 13.89 -4.08
N LEU B 130 -19.58 14.11 -4.01
CA LEU B 130 -20.51 13.01 -3.80
C LEU B 130 -21.36 12.69 -5.02
N TYR B 131 -21.59 11.40 -5.23
CA TYR B 131 -22.36 10.89 -6.35
C TYR B 131 -23.43 9.95 -5.81
N LEU B 132 -24.42 9.63 -6.64
CA LEU B 132 -25.39 8.60 -6.31
C LEU B 132 -25.31 7.52 -7.37
N VAL B 133 -25.54 6.27 -6.97
CA VAL B 133 -25.56 5.16 -7.91
C VAL B 133 -26.95 5.06 -8.54
N GLU B 134 -27.04 5.41 -9.81
CA GLU B 134 -28.33 5.45 -10.49
C GLU B 134 -28.78 4.08 -10.98
N GLU B 135 -27.85 3.26 -11.44
CA GLU B 135 -28.22 1.95 -11.93
C GLU B 135 -27.01 1.10 -12.23
N TYR B 136 -27.27 -0.17 -12.56
CA TYR B 136 -26.21 -1.06 -12.95
C TYR B 136 -26.69 -2.01 -14.01
N TRP B 137 -25.76 -2.67 -14.67
CA TRP B 137 -26.10 -3.65 -15.68
C TRP B 137 -24.88 -4.49 -15.90
N GLU B 138 -25.02 -5.54 -16.69
CA GLU B 138 -23.88 -6.41 -16.90
C GLU B 138 -23.50 -6.47 -18.36
N GLU B 139 -22.23 -6.75 -18.60
CA GLU B 139 -21.68 -6.73 -19.93
C GLU B 139 -20.94 -8.03 -20.13
N THR B 140 -20.57 -8.29 -21.37
CA THR B 140 -19.81 -9.47 -21.69
C THR B 140 -18.64 -9.13 -22.59
N GLY B 141 -17.42 -9.26 -22.05
CA GLY B 141 -16.22 -9.13 -22.85
C GLY B 141 -16.10 -10.25 -23.87
N SER B 142 -15.01 -10.28 -24.64
CA SER B 142 -14.82 -11.30 -25.67
C SER B 142 -14.50 -12.66 -25.08
N HIS B 143 -13.73 -12.65 -24.00
CA HIS B 143 -13.43 -13.83 -23.21
C HIS B 143 -14.70 -14.60 -22.86
N GLY B 144 -15.82 -13.90 -22.87
CA GLY B 144 -17.11 -14.53 -22.64
C GLY B 144 -17.64 -14.30 -21.24
N LYS B 145 -16.85 -13.66 -20.39
CA LYS B 145 -17.23 -13.56 -18.99
C LYS B 145 -17.91 -12.24 -18.61
N LEU B 146 -18.62 -12.27 -17.49
CA LEU B 146 -19.50 -11.20 -17.08
C LEU B 146 -18.76 -10.07 -16.37
N VAL B 147 -19.14 -8.83 -16.69
CA VAL B 147 -18.62 -7.65 -16.01
C VAL B 147 -19.76 -6.73 -15.61
N PHE B 148 -19.74 -6.22 -14.39
CA PHE B 148 -20.71 -5.23 -13.98
C PHE B 148 -20.28 -3.79 -14.30
N LYS B 149 -21.28 -2.94 -14.56
CA LYS B 149 -21.06 -1.52 -14.81
C LYS B 149 -22.04 -0.75 -13.95
N PHE B 150 -21.55 0.29 -13.29
CA PHE B 150 -22.39 1.11 -12.44
C PHE B 150 -22.39 2.53 -12.95
N LYS B 151 -23.59 3.06 -13.15
CA LYS B 151 -23.74 4.43 -13.58
C LYS B 151 -23.93 5.33 -12.36
N LEU B 152 -22.97 6.22 -12.12
CA LEU B 152 -23.11 7.15 -11.01
C LEU B 152 -23.27 8.56 -11.52
N ARG B 153 -24.09 9.35 -10.84
CA ARG B 153 -24.28 10.74 -11.22
C ARG B 153 -23.93 11.68 -10.07
N ARG B 154 -23.18 12.73 -10.38
CA ARG B 154 -22.76 13.69 -9.38
C ARG B 154 -23.94 14.48 -8.83
N ILE B 155 -24.07 14.52 -7.51
CA ILE B 155 -25.11 15.31 -6.87
C ILE B 155 -24.87 16.79 -7.20
N PRO B 156 -25.90 17.47 -7.73
CA PRO B 156 -25.85 18.89 -8.11
C PRO B 156 -25.47 19.81 -6.95
N GLY B 157 -24.94 20.98 -7.27
CA GLY B 157 -24.73 21.99 -6.25
C GLY B 157 -23.33 22.06 -5.65
N GLN B 158 -22.47 21.11 -6.01
CA GLN B 158 -21.14 21.06 -5.41
C GLN B 158 -20.14 21.86 -6.24
N PRO B 159 -19.06 22.30 -5.60
CA PRO B 159 -17.97 22.99 -6.32
C PRO B 159 -17.55 22.20 -7.55
N GLU B 160 -16.92 22.88 -8.51
CA GLU B 160 -16.37 22.24 -9.69
C GLU B 160 -14.89 21.95 -9.46
N LEU B 161 -14.30 21.11 -10.31
CA LEU B 161 -12.87 20.83 -10.19
C LEU B 161 -12.01 21.90 -10.84
N PRO B 162 -10.91 22.28 -10.16
CA PRO B 162 -9.91 23.23 -10.64
C PRO B 162 -9.26 22.80 -11.96
N TRP B 163 -8.53 23.71 -12.59
CA TRP B 163 -7.86 23.44 -13.87
C TRP B 163 -8.82 23.03 -14.99
N1 5CM D 5 9.93 -8.77 5.08
C2 5CM D 5 10.37 -9.32 6.44
N3 5CM D 5 11.72 -10.08 6.58
C4 5CM D 5 12.64 -10.18 5.40
C5 5CM D 5 12.28 -9.45 4.06
C5A 5CM D 5 13.22 -9.45 2.85
C6 5CM D 5 10.88 -8.81 3.90
O2 5CM D 5 9.48 -9.29 7.51
N4 5CM D 5 13.94 -10.83 5.62
C1' 5CM D 5 8.53 -8.35 4.92
C2' 5CM D 5 8.27 -6.90 4.53
C3' 5CM D 5 7.03 -7.03 3.69
C4' 5CM D 5 7.31 -8.30 2.90
O4' 5CM D 5 8.00 -9.18 3.84
O3' 5CM D 5 5.89 -7.28 4.48
C5' 5CM D 5 8.26 -7.93 1.78
O5' 5CM D 5 8.79 -9.07 1.15
P 5CM D 5 9.74 -8.70 -0.13
OP1 5CM D 5 11.04 -7.79 0.33
OP2 5CM D 5 10.21 -9.90 -0.79
#